data_8AB5
#
_entry.id   8AB5
#
_cell.length_a   48.540
_cell.length_b   70.860
_cell.length_c   66.000
_cell.angle_alpha   90.000
_cell.angle_beta   100.060
_cell.angle_gamma   90.000
#
_symmetry.space_group_name_H-M   'P 1 21 1'
#
loop_
_entity.id
_entity.type
_entity.pdbx_description
1 polymer 'Rhomboid protease GlpG'
2 polymer Ac-VRHA-conh-[4-(4-butyl)-phenoxy-1-phenyl-2-butyl]
3 water water
#
loop_
_entity_poly.entity_id
_entity_poly.type
_entity_poly.pdbx_seq_one_letter_code
_entity_poly.pdbx_strand_id
1 'polypeptide(L)'
;ERAGPVTWVMMIACVVVFIAMQILGDQEVMLWLAWPFDPTLKFEFWRYFTHALMHFSLMHILFNLLWWWYLGGAVEKRLG
SGKLIVITLISALLSGYVQQKFSGPWFGGLSGVVYALMGYVWLRGERDPQSGIYLQRGLIIFALIWIVAGWFDLFGMSMA
NGAHIAGLAVGLAMAFVDSL
;
A,B
2 'polypeptide(L)' (ACE)VRH(LPV) C,D
#
loop_
_chem_comp.id
_chem_comp.type
_chem_comp.name
_chem_comp.formula
ACE non-polymer 'ACETYL GROUP' 'C2 H4 O'
LPV non-polymer (2~{R},3~{S})-3-azanyl-~{N}-[(2~{R})-4-(4-butylphenoxy)-1-phenyl-butan-2-yl]-2-oxidanyl-butanamide 'C24 H34 N2 O3'
#
# COMPACT_ATOMS: atom_id res chain seq x y z
N ALA A 3 13.30 -19.38 18.20
CA ALA A 3 14.05 -19.05 16.95
C ALA A 3 14.40 -20.33 16.18
N GLY A 4 13.97 -20.42 14.92
CA GLY A 4 14.27 -21.56 14.02
C GLY A 4 15.53 -21.32 13.18
N PRO A 5 15.79 -22.18 12.18
CA PRO A 5 17.02 -22.09 11.38
C PRO A 5 17.18 -20.81 10.53
N VAL A 6 16.08 -20.28 9.99
CA VAL A 6 16.10 -19.03 9.16
C VAL A 6 16.52 -17.87 10.08
N THR A 7 15.90 -17.77 11.25
CA THR A 7 16.26 -16.76 12.27
C THR A 7 17.77 -16.81 12.52
N TRP A 8 18.28 -18.00 12.82
CA TRP A 8 19.69 -18.26 13.20
C TRP A 8 20.63 -17.89 12.05
N VAL A 9 20.49 -18.60 10.94
CA VAL A 9 21.31 -18.43 9.70
C VAL A 9 21.47 -16.94 9.42
N MET A 10 20.39 -16.17 9.45
CA MET A 10 20.40 -14.72 9.11
C MET A 10 21.29 -13.97 10.11
N MET A 11 21.15 -14.32 11.39
CA MET A 11 21.95 -13.72 12.47
C MET A 11 23.43 -14.09 12.26
N ILE A 12 23.70 -15.32 11.84
CA ILE A 12 25.07 -15.80 11.51
C ILE A 12 25.60 -14.93 10.36
N ALA A 13 24.88 -14.91 9.25
CA ALA A 13 25.30 -14.20 8.02
C ALA A 13 25.61 -12.75 8.37
N CYS A 14 24.78 -12.09 9.16
CA CYS A 14 24.94 -10.64 9.50
C CYS A 14 26.20 -10.43 10.34
N VAL A 15 26.45 -11.35 11.28
CA VAL A 15 27.61 -11.30 12.21
C VAL A 15 28.89 -11.54 11.39
N VAL A 16 28.94 -12.61 10.59
CA VAL A 16 30.06 -12.87 9.64
C VAL A 16 30.35 -11.61 8.81
N VAL A 17 29.31 -11.00 8.24
CA VAL A 17 29.45 -9.84 7.31
C VAL A 17 29.96 -8.64 8.11
N PHE A 18 29.47 -8.45 9.33
CA PHE A 18 29.89 -7.33 10.21
C PHE A 18 31.39 -7.44 10.55
N ILE A 19 31.81 -8.62 10.97
CA ILE A 19 33.24 -8.92 11.28
C ILE A 19 34.06 -8.56 10.04
N ALA A 20 33.75 -9.17 8.90
CA ALA A 20 34.38 -8.86 7.60
C ALA A 20 34.53 -7.34 7.47
N MET A 21 33.51 -6.57 7.86
CA MET A 21 33.48 -5.11 7.60
C MET A 21 34.46 -4.39 8.51
N GLN A 22 34.57 -4.79 9.78
CA GLN A 22 35.50 -4.18 10.76
C GLN A 22 36.95 -4.43 10.32
N ILE A 23 37.26 -5.65 9.87
CA ILE A 23 38.62 -6.03 9.41
C ILE A 23 38.95 -5.25 8.12
N LEU A 24 38.24 -5.54 7.02
CA LEU A 24 38.53 -5.04 5.66
C LEU A 24 38.06 -3.58 5.47
N GLY A 25 37.33 -3.03 6.44
CA GLY A 25 36.62 -1.75 6.26
C GLY A 25 35.30 -1.95 5.53
N ASP A 26 34.36 -1.02 5.73
CA ASP A 26 32.97 -1.10 5.22
C ASP A 26 32.99 -1.20 3.68
N GLN A 27 33.78 -0.36 3.01
CA GLN A 27 33.83 -0.21 1.53
C GLN A 27 34.10 -1.55 0.85
N GLU A 28 35.07 -2.33 1.34
CA GLU A 28 35.51 -3.57 0.66
C GLU A 28 34.35 -4.57 0.62
N VAL A 29 33.59 -4.68 1.71
CA VAL A 29 32.42 -5.59 1.82
C VAL A 29 31.34 -5.06 0.87
N MET A 30 31.15 -3.75 0.84
CA MET A 30 30.11 -3.07 0.02
C MET A 30 30.39 -3.30 -1.46
N LEU A 31 31.67 -3.32 -1.84
CA LEU A 31 32.08 -3.68 -3.23
C LEU A 31 31.38 -4.99 -3.59
N TRP A 32 31.27 -5.94 -2.67
CA TRP A 32 30.70 -7.27 -2.96
C TRP A 32 29.17 -7.25 -2.77
N LEU A 33 28.66 -6.51 -1.78
CA LEU A 33 27.31 -6.76 -1.21
C LEU A 33 26.31 -5.61 -1.43
N ALA A 34 26.76 -4.42 -1.85
CA ALA A 34 25.89 -3.22 -1.98
C ALA A 34 24.95 -3.41 -3.16
N TRP A 35 23.76 -2.80 -3.11
CA TRP A 35 22.87 -2.62 -4.29
C TRP A 35 23.71 -2.22 -5.49
N PRO A 36 23.51 -2.78 -6.70
CA PRO A 36 24.35 -2.42 -7.85
C PRO A 36 24.37 -0.92 -8.18
N PHE A 37 25.54 -0.29 -8.14
CA PHE A 37 25.70 1.17 -8.42
C PHE A 37 25.89 1.42 -9.91
N ASP A 38 26.13 0.38 -10.70
CA ASP A 38 26.56 0.46 -12.13
C ASP A 38 25.91 -0.69 -12.90
N PRO A 39 25.38 -0.45 -14.12
CA PRO A 39 24.65 -1.47 -14.88
C PRO A 39 25.49 -2.71 -15.26
N THR A 40 26.82 -2.61 -15.22
CA THR A 40 27.73 -3.78 -15.40
C THR A 40 27.43 -4.81 -14.31
N LEU A 41 26.91 -4.40 -13.14
CA LEU A 41 26.70 -5.30 -11.96
C LEU A 41 25.24 -5.76 -11.81
N LYS A 42 24.36 -5.42 -12.75
CA LYS A 42 22.89 -5.69 -12.64
C LYS A 42 22.60 -7.20 -12.55
N PHE A 43 23.50 -8.09 -12.99
CA PHE A 43 23.23 -9.56 -13.02
C PHE A 43 23.75 -10.22 -11.75
N GLU A 44 24.35 -9.43 -10.87
CA GLU A 44 24.79 -9.88 -9.52
C GLU A 44 23.57 -9.84 -8.59
N PHE A 45 22.68 -10.82 -8.80
CA PHE A 45 21.30 -10.94 -8.26
C PHE A 45 21.29 -10.79 -6.74
N TRP A 46 22.32 -11.31 -6.05
CA TRP A 46 22.43 -11.32 -4.56
C TRP A 46 22.39 -9.89 -4.01
N ARG A 47 22.88 -8.91 -4.78
CA ARG A 47 23.02 -7.50 -4.32
C ARG A 47 21.65 -6.88 -3.99
N TYR A 48 20.56 -7.35 -4.61
CA TYR A 48 19.21 -6.80 -4.36
C TYR A 48 18.78 -7.18 -2.93
N PHE A 49 19.47 -8.14 -2.29
CA PHE A 49 19.14 -8.70 -0.96
C PHE A 49 20.24 -8.41 0.08
N THR A 50 21.52 -8.50 -0.31
CA THR A 50 22.72 -8.56 0.59
C THR A 50 22.97 -7.22 1.29
N HIS A 51 22.48 -6.12 0.73
CA HIS A 51 22.52 -4.78 1.37
C HIS A 51 21.91 -4.89 2.79
N ALA A 52 20.98 -5.83 2.99
CA ALA A 52 20.29 -6.11 4.28
C ALA A 52 21.25 -6.67 5.33
N LEU A 53 22.42 -7.19 4.93
CA LEU A 53 23.38 -7.90 5.82
C LEU A 53 24.46 -6.96 6.34
N MET A 54 24.62 -5.77 5.77
CA MET A 54 25.69 -4.83 6.19
C MET A 54 25.18 -3.92 7.32
N HIS A 55 25.98 -3.81 8.38
CA HIS A 55 25.81 -2.81 9.46
C HIS A 55 27.13 -2.08 9.68
N PHE A 56 27.05 -0.82 10.14
CA PHE A 56 28.12 0.21 10.05
C PHE A 56 28.60 0.63 11.44
N SER A 57 28.22 -0.13 12.48
CA SER A 57 28.57 0.09 13.90
C SER A 57 28.00 -1.05 14.75
N LEU A 58 28.55 -1.24 15.93
CA LEU A 58 28.14 -2.30 16.88
C LEU A 58 26.68 -2.06 17.28
N MET A 59 26.29 -0.82 17.55
CA MET A 59 24.91 -0.43 17.96
C MET A 59 23.92 -0.75 16.84
N HIS A 60 24.29 -0.37 15.61
CA HIS A 60 23.51 -0.64 14.37
C HIS A 60 23.20 -2.14 14.30
N ILE A 61 24.20 -3.01 14.34
CA ILE A 61 23.95 -4.47 14.17
C ILE A 61 23.19 -5.01 15.39
N LEU A 62 23.54 -4.57 16.61
CA LEU A 62 22.88 -5.02 17.86
C LEU A 62 21.40 -4.74 17.77
N PHE A 63 21.05 -3.48 17.55
CA PHE A 63 19.64 -3.00 17.46
C PHE A 63 18.86 -3.84 16.41
N ASN A 64 19.40 -3.92 15.19
CA ASN A 64 18.75 -4.63 14.06
C ASN A 64 18.55 -6.09 14.47
N LEU A 65 19.58 -6.70 15.05
CA LEU A 65 19.56 -8.17 15.31
C LEU A 65 18.58 -8.47 16.45
N LEU A 66 18.49 -7.62 17.46
CA LEU A 66 17.53 -7.80 18.58
C LEU A 66 16.11 -7.88 18.01
N TRP A 67 15.71 -6.85 17.26
CA TRP A 67 14.43 -6.87 16.49
C TRP A 67 14.35 -8.15 15.66
N TRP A 68 15.36 -8.47 14.86
CA TRP A 68 15.26 -9.62 13.91
C TRP A 68 14.93 -10.87 14.71
N TRP A 69 15.74 -11.15 15.74
CA TRP A 69 15.63 -12.32 16.63
C TRP A 69 14.22 -12.41 17.21
N TYR A 70 13.66 -11.29 17.68
CA TYR A 70 12.36 -11.26 18.41
C TYR A 70 11.21 -11.48 17.42
N LEU A 71 11.13 -10.66 16.37
CA LEU A 71 10.02 -10.71 15.38
C LEU A 71 10.23 -11.89 14.42
N GLY A 72 11.43 -12.07 13.87
CA GLY A 72 11.73 -13.17 12.95
C GLY A 72 11.47 -14.53 13.61
N GLY A 73 11.90 -14.65 14.88
CA GLY A 73 11.70 -15.87 15.68
C GLY A 73 10.24 -16.14 15.90
N ALA A 74 9.46 -15.11 16.24
CA ALA A 74 7.99 -15.19 16.39
C ALA A 74 7.38 -15.69 15.08
N VAL A 75 7.74 -15.07 13.96
CA VAL A 75 7.20 -15.44 12.63
C VAL A 75 7.60 -16.88 12.29
N GLU A 76 8.86 -17.28 12.51
CA GLU A 76 9.32 -18.65 12.16
C GLU A 76 8.64 -19.69 13.05
N LYS A 77 8.50 -19.40 14.35
CA LYS A 77 7.85 -20.25 15.38
C LYS A 77 6.39 -20.51 15.02
N ARG A 78 5.70 -19.58 14.37
CA ARG A 78 4.24 -19.66 14.18
C ARG A 78 3.87 -20.08 12.75
N LEU A 79 4.45 -19.42 11.75
CA LEU A 79 3.97 -19.49 10.35
C LEU A 79 4.95 -20.28 9.48
N GLY A 80 6.11 -20.68 10.02
CA GLY A 80 7.10 -21.54 9.34
C GLY A 80 8.27 -20.76 8.73
N SER A 81 9.40 -21.46 8.54
CA SER A 81 10.64 -20.99 7.88
C SER A 81 10.29 -20.31 6.55
N GLY A 82 9.51 -21.00 5.72
CA GLY A 82 9.17 -20.58 4.35
C GLY A 82 8.51 -19.22 4.34
N LYS A 83 7.68 -18.93 5.33
CA LYS A 83 6.95 -17.65 5.43
C LYS A 83 7.97 -16.56 5.77
N LEU A 84 8.83 -16.81 6.76
CA LEU A 84 9.89 -15.84 7.16
C LEU A 84 10.82 -15.57 5.97
N ILE A 85 11.13 -16.60 5.19
CA ILE A 85 12.03 -16.45 4.00
C ILE A 85 11.35 -15.53 2.99
N VAL A 86 10.05 -15.70 2.73
CA VAL A 86 9.33 -14.94 1.67
C VAL A 86 9.22 -13.46 2.10
N ILE A 87 8.84 -13.20 3.34
CA ILE A 87 8.73 -11.80 3.86
C ILE A 87 10.10 -11.13 3.69
N THR A 88 11.13 -11.83 4.17
CA THR A 88 12.54 -11.36 4.19
C THR A 88 13.02 -11.02 2.78
N LEU A 89 12.86 -11.95 1.82
CA LEU A 89 13.36 -11.78 0.43
C LEU A 89 12.62 -10.65 -0.30
N ILE A 90 11.29 -10.64 -0.28
CA ILE A 90 10.46 -9.56 -0.90
C ILE A 90 10.77 -8.21 -0.24
N SER A 91 10.71 -8.13 1.09
CA SER A 91 10.98 -6.86 1.82
C SER A 91 12.39 -6.33 1.51
N ALA A 92 13.39 -7.19 1.39
CA ALA A 92 14.81 -6.79 1.15
C ALA A 92 14.92 -6.15 -0.24
N LEU A 93 14.31 -6.80 -1.21
CA LEU A 93 14.30 -6.41 -2.64
C LEU A 93 13.65 -5.02 -2.78
N LEU A 94 12.46 -4.85 -2.18
CA LEU A 94 11.63 -3.64 -2.44
C LEU A 94 12.12 -2.50 -1.55
N SER A 95 12.53 -2.79 -0.31
CA SER A 95 13.13 -1.76 0.58
C SER A 95 14.42 -1.26 -0.06
N GLY A 96 15.24 -2.17 -0.58
CA GLY A 96 16.44 -1.86 -1.37
C GLY A 96 16.10 -1.03 -2.60
N TYR A 97 15.06 -1.42 -3.35
CA TYR A 97 14.68 -0.73 -4.62
C TYR A 97 14.40 0.75 -4.32
N VAL A 98 13.63 1.00 -3.27
CA VAL A 98 13.18 2.37 -2.91
C VAL A 98 14.37 3.17 -2.34
N GLN A 99 15.16 2.57 -1.47
CA GLN A 99 16.29 3.31 -0.84
C GLN A 99 17.27 3.76 -1.93
N GLN A 100 17.61 2.89 -2.90
CA GLN A 100 18.64 3.22 -3.92
C GLN A 100 18.14 4.41 -4.76
N LYS A 101 16.84 4.61 -4.90
CA LYS A 101 16.30 5.75 -5.69
C LYS A 101 16.80 7.06 -5.08
N PHE A 102 16.75 7.20 -3.74
CA PHE A 102 17.16 8.42 -3.00
C PHE A 102 18.67 8.41 -2.74
N SER A 103 19.28 7.22 -2.69
CA SER A 103 20.53 7.02 -1.92
C SER A 103 21.57 6.26 -2.75
N GLY A 104 21.21 5.80 -3.95
CA GLY A 104 22.07 4.89 -4.73
C GLY A 104 22.49 3.70 -3.86
N PRO A 105 23.73 3.19 -4.00
CA PRO A 105 24.18 2.06 -3.18
C PRO A 105 24.44 2.34 -1.69
N TRP A 106 24.46 3.60 -1.27
CA TRP A 106 25.04 4.02 0.04
C TRP A 106 24.00 3.92 1.15
N PHE A 107 23.71 2.68 1.54
CA PHE A 107 22.71 2.29 2.56
C PHE A 107 22.91 0.81 2.84
N GLY A 108 22.39 0.32 3.96
CA GLY A 108 22.48 -1.10 4.35
C GLY A 108 21.83 -1.35 5.69
N GLY A 109 21.55 -2.61 5.97
CA GLY A 109 21.01 -3.08 7.26
C GLY A 109 19.68 -3.79 7.11
N LEU A 110 19.25 -4.47 8.18
CA LEU A 110 18.12 -5.43 8.18
C LEU A 110 16.81 -4.72 8.53
N SER A 111 16.77 -3.40 8.58
CA SER A 111 15.61 -2.69 9.18
C SER A 111 14.48 -2.56 8.16
N GLY A 112 14.79 -2.51 6.86
CA GLY A 112 13.74 -2.69 5.82
C GLY A 112 12.97 -3.97 6.07
N VAL A 113 13.69 -5.06 6.29
CA VAL A 113 13.11 -6.39 6.62
C VAL A 113 12.39 -6.31 7.98
N VAL A 114 12.99 -5.67 8.97
CA VAL A 114 12.39 -5.62 10.33
C VAL A 114 11.06 -4.86 10.27
N TYR A 115 11.02 -3.78 9.49
CA TYR A 115 9.79 -2.96 9.30
C TYR A 115 8.72 -3.78 8.59
N ALA A 116 9.10 -4.64 7.63
CA ALA A 116 8.19 -5.65 7.03
C ALA A 116 7.66 -6.59 8.11
N LEU A 117 8.55 -7.16 8.91
CA LEU A 117 8.12 -7.99 10.05
C LEU A 117 7.17 -7.18 10.95
N MET A 118 7.48 -5.90 11.22
CA MET A 118 6.64 -5.06 12.11
C MET A 118 5.23 -4.99 11.49
N GLY A 119 5.12 -4.45 10.27
CA GLY A 119 3.83 -4.29 9.58
C GLY A 119 3.13 -5.63 9.48
N TYR A 120 3.87 -6.68 9.16
CA TYR A 120 3.25 -8.01 8.93
C TYR A 120 2.59 -8.48 10.22
N VAL A 121 3.33 -8.42 11.31
CA VAL A 121 2.89 -9.06 12.58
C VAL A 121 1.79 -8.18 13.19
N TRP A 122 1.98 -6.87 13.10
CA TRP A 122 0.96 -5.86 13.47
C TRP A 122 -0.39 -6.17 12.80
N LEU A 123 -0.50 -6.11 11.47
CA LEU A 123 -1.82 -6.11 10.77
C LEU A 123 -2.45 -7.51 10.81
N ARG A 124 -1.66 -8.55 10.59
CA ARG A 124 -2.17 -9.94 10.66
C ARG A 124 -2.81 -10.11 12.04
N GLY A 125 -2.09 -9.73 13.11
CA GLY A 125 -2.50 -9.85 14.52
C GLY A 125 -3.72 -9.02 14.82
N GLU A 126 -3.91 -7.93 14.08
CA GLU A 126 -5.12 -7.07 14.11
C GLU A 126 -6.27 -7.77 13.37
N ARG A 127 -6.09 -8.13 12.09
CA ARG A 127 -7.17 -8.73 11.26
C ARG A 127 -7.44 -10.17 11.69
N ASP A 128 -6.41 -10.93 12.03
CA ASP A 128 -6.49 -12.40 12.21
C ASP A 128 -5.84 -12.79 13.53
N PRO A 129 -6.43 -12.46 14.70
CA PRO A 129 -5.85 -12.82 16.00
C PRO A 129 -5.64 -14.34 16.15
N GLN A 130 -6.46 -15.12 15.45
CA GLN A 130 -6.44 -16.61 15.40
C GLN A 130 -4.99 -17.13 15.30
N SER A 131 -4.19 -16.52 14.42
CA SER A 131 -2.81 -16.96 14.05
C SER A 131 -1.88 -17.06 15.27
N GLY A 132 -2.11 -16.24 16.31
CA GLY A 132 -1.29 -16.18 17.54
C GLY A 132 -0.01 -15.38 17.35
N ILE A 133 0.00 -14.43 16.41
CA ILE A 133 1.07 -13.41 16.25
C ILE A 133 0.44 -12.02 16.32
N TYR A 134 1.14 -11.08 16.96
CA TYR A 134 0.66 -9.70 17.25
C TYR A 134 1.89 -8.86 17.55
N LEU A 135 1.77 -7.54 17.45
CA LEU A 135 2.82 -6.59 17.91
C LEU A 135 2.30 -5.88 19.17
N GLN A 136 3.05 -5.91 20.27
CA GLN A 136 2.71 -5.09 21.46
C GLN A 136 2.62 -3.64 21.00
N ARG A 137 1.62 -2.90 21.46
CA ARG A 137 1.44 -1.47 21.11
C ARG A 137 2.76 -0.72 21.35
N GLY A 138 3.50 -1.09 22.40
CA GLY A 138 4.79 -0.45 22.73
C GLY A 138 5.66 -0.42 21.50
N LEU A 139 5.76 -1.57 20.83
CA LEU A 139 6.61 -1.75 19.62
C LEU A 139 5.89 -1.19 18.40
N ILE A 140 4.57 -1.24 18.33
CA ILE A 140 3.82 -0.47 17.29
C ILE A 140 4.27 0.99 17.40
N ILE A 141 4.09 1.60 18.57
CA ILE A 141 4.41 3.04 18.80
C ILE A 141 5.86 3.30 18.39
N PHE A 142 6.79 2.47 18.84
CA PHE A 142 8.24 2.59 18.53
C PHE A 142 8.41 2.63 17.01
N ALA A 143 7.70 1.75 16.30
CA ALA A 143 7.80 1.59 14.82
C ALA A 143 7.44 2.93 14.16
N LEU A 144 6.28 3.47 14.52
CA LEU A 144 5.69 4.70 13.92
C LEU A 144 6.61 5.90 14.20
N ILE A 145 7.12 6.03 15.42
CA ILE A 145 7.94 7.21 15.84
C ILE A 145 9.17 7.31 14.93
N TRP A 146 9.82 6.20 14.59
CA TRP A 146 11.10 6.19 13.83
C TRP A 146 10.85 6.50 12.35
N ILE A 147 9.74 6.01 11.78
CA ILE A 147 9.25 6.41 10.42
C ILE A 147 9.03 7.92 10.39
N VAL A 148 8.38 8.44 11.43
CA VAL A 148 8.03 9.88 11.57
C VAL A 148 9.31 10.67 11.84
N ALA A 149 10.21 10.13 12.67
CA ALA A 149 11.55 10.68 12.95
C ALA A 149 12.32 10.81 11.65
N GLY A 150 12.16 9.82 10.76
CA GLY A 150 12.85 9.75 9.47
C GLY A 150 12.48 10.93 8.58
N TRP A 151 11.23 11.36 8.63
CA TRP A 151 10.68 12.47 7.80
C TRP A 151 11.54 13.72 7.98
N PHE A 152 11.89 14.02 9.23
CA PHE A 152 12.85 15.10 9.54
C PHE A 152 14.21 14.40 9.48
N ASP A 153 15.13 14.88 8.64
CA ASP A 153 16.39 14.13 8.44
C ASP A 153 17.26 14.47 9.65
N LEU A 154 17.01 13.76 10.75
CA LEU A 154 17.76 13.84 12.02
C LEU A 154 19.01 12.98 11.85
N PHE A 155 19.93 13.05 12.82
CA PHE A 155 21.17 12.23 12.87
C PHE A 155 21.99 12.45 11.58
N GLY A 156 22.08 13.70 11.12
CA GLY A 156 22.80 14.10 9.89
C GLY A 156 22.36 13.33 8.65
N MET A 157 21.05 13.09 8.52
CA MET A 157 20.44 12.33 7.39
C MET A 157 21.09 10.93 7.33
N SER A 158 21.12 10.21 8.46
CA SER A 158 21.77 8.89 8.61
C SER A 158 20.76 7.74 8.51
N MET A 159 19.46 8.04 8.33
CA MET A 159 18.42 6.98 8.34
C MET A 159 17.88 6.68 6.95
N ALA A 160 17.75 5.39 6.63
CA ALA A 160 17.21 4.94 5.32
C ALA A 160 15.69 4.94 5.42
N ASN A 161 15.09 6.12 5.24
CA ASN A 161 13.63 6.38 5.35
C ASN A 161 12.90 5.61 4.26
N GLY A 162 13.44 5.56 3.06
CA GLY A 162 12.83 4.82 1.94
C GLY A 162 12.65 3.36 2.28
N ALA A 163 13.72 2.72 2.74
CA ALA A 163 13.74 1.27 3.10
C ALA A 163 12.74 1.00 4.23
N HIS A 164 12.67 1.82 5.27
CA HIS A 164 11.71 1.63 6.40
C HIS A 164 10.26 1.62 5.90
N ILE A 165 9.87 2.66 5.16
CA ILE A 165 8.46 2.81 4.72
C ILE A 165 8.12 1.70 3.73
N ALA A 166 9.05 1.36 2.82
CA ALA A 166 8.87 0.31 1.79
C ALA A 166 8.66 -1.04 2.49
N GLY A 167 9.51 -1.35 3.46
CA GLY A 167 9.44 -2.57 4.30
C GLY A 167 8.09 -2.66 4.99
N LEU A 168 7.60 -1.53 5.49
CA LEU A 168 6.32 -1.53 6.24
C LEU A 168 5.20 -1.81 5.23
N ALA A 169 5.25 -1.17 4.08
CA ALA A 169 4.22 -1.32 3.03
C ALA A 169 4.12 -2.80 2.67
N VAL A 170 5.26 -3.42 2.32
CA VAL A 170 5.36 -4.87 1.98
C VAL A 170 4.76 -5.72 3.11
N GLY A 171 5.16 -5.45 4.36
CA GLY A 171 4.69 -6.21 5.55
C GLY A 171 3.17 -6.13 5.67
N LEU A 172 2.65 -4.92 5.68
CA LEU A 172 1.20 -4.66 5.73
C LEU A 172 0.51 -5.39 4.56
N ALA A 173 1.00 -5.20 3.34
CA ALA A 173 0.45 -5.83 2.12
C ALA A 173 0.35 -7.35 2.31
N MET A 174 1.43 -8.00 2.74
CA MET A 174 1.45 -9.48 2.79
C MET A 174 0.61 -9.95 3.98
N ALA A 175 0.48 -9.14 5.03
CA ALA A 175 -0.44 -9.41 6.16
C ALA A 175 -1.88 -9.38 5.63
N PHE A 176 -2.23 -8.35 4.85
CA PHE A 176 -3.57 -8.15 4.25
C PHE A 176 -3.95 -9.38 3.40
N VAL A 177 -3.18 -9.61 2.35
CA VAL A 177 -3.35 -10.77 1.44
C VAL A 177 -3.44 -12.05 2.27
N ASP A 178 -2.53 -12.27 3.21
CA ASP A 178 -2.50 -13.54 3.99
C ASP A 178 -3.75 -13.66 4.85
N SER A 179 -4.21 -12.57 5.46
CA SER A 179 -5.38 -12.55 6.37
C SER A 179 -6.68 -12.43 5.57
N LEU A 180 -6.66 -12.75 4.27
CA LEU A 180 -7.87 -12.92 3.43
C LEU A 180 -8.22 -14.41 3.39
N ALA B 3 -16.13 22.58 -14.11
CA ALA B 3 -16.13 21.10 -14.39
C ALA B 3 -16.99 20.80 -15.62
N GLY B 4 -16.89 19.59 -16.15
CA GLY B 4 -17.50 19.21 -17.45
C GLY B 4 -18.83 18.48 -17.28
N PRO B 5 -19.42 17.97 -18.39
CA PRO B 5 -20.73 17.32 -18.36
C PRO B 5 -20.78 16.05 -17.49
N VAL B 6 -19.85 15.12 -17.73
CA VAL B 6 -19.76 13.83 -16.97
C VAL B 6 -19.51 14.13 -15.49
N THR B 7 -18.56 15.00 -15.16
CA THR B 7 -18.29 15.46 -13.77
C THR B 7 -19.62 15.86 -13.12
N TRP B 8 -20.40 16.74 -13.76
CA TRP B 8 -21.67 17.31 -13.25
C TRP B 8 -22.71 16.19 -13.03
N VAL B 9 -22.97 15.40 -14.07
CA VAL B 9 -23.97 14.28 -14.07
C VAL B 9 -23.76 13.38 -12.84
N MET B 10 -22.54 12.91 -12.60
CA MET B 10 -22.21 11.98 -11.48
C MET B 10 -22.55 12.62 -10.13
N MET B 11 -22.22 13.89 -9.95
CA MET B 11 -22.42 14.57 -8.64
C MET B 11 -23.90 14.60 -8.30
N ILE B 12 -24.74 15.08 -9.20
CA ILE B 12 -26.22 15.20 -8.97
C ILE B 12 -26.82 13.78 -8.94
N ALA B 13 -26.32 12.85 -9.76
CA ALA B 13 -26.68 11.43 -9.66
C ALA B 13 -26.50 10.99 -8.20
N CYS B 14 -25.35 11.29 -7.59
CA CYS B 14 -24.99 10.88 -6.20
C CYS B 14 -25.89 11.59 -5.18
N VAL B 15 -26.22 12.87 -5.40
CA VAL B 15 -27.04 13.68 -4.45
C VAL B 15 -28.49 13.19 -4.52
N VAL B 16 -29.03 12.99 -5.73
CA VAL B 16 -30.38 12.39 -5.93
C VAL B 16 -30.45 11.11 -5.09
N VAL B 17 -29.53 10.16 -5.33
CA VAL B 17 -29.53 8.86 -4.62
C VAL B 17 -29.39 9.11 -3.11
N PHE B 18 -28.52 10.03 -2.71
CA PHE B 18 -28.35 10.39 -1.28
C PHE B 18 -29.68 10.85 -0.69
N ILE B 19 -30.32 11.85 -1.30
CA ILE B 19 -31.65 12.34 -0.84
C ILE B 19 -32.63 11.16 -0.81
N ALA B 20 -32.68 10.37 -1.88
CA ALA B 20 -33.57 9.19 -1.99
C ALA B 20 -33.35 8.31 -0.77
N MET B 21 -32.10 8.06 -0.40
CA MET B 21 -31.74 7.20 0.74
C MET B 21 -32.19 7.86 2.06
N GLN B 22 -32.13 9.19 2.17
CA GLN B 22 -32.47 9.96 3.40
C GLN B 22 -33.99 9.89 3.64
N ILE B 23 -34.79 10.00 2.57
CA ILE B 23 -36.29 9.94 2.62
C ILE B 23 -36.74 8.49 2.83
N LEU B 24 -36.31 7.60 1.92
CA LEU B 24 -36.79 6.20 1.79
C LEU B 24 -36.05 5.29 2.77
N GLY B 25 -34.83 5.65 3.18
CA GLY B 25 -33.96 4.79 3.99
C GLY B 25 -32.93 4.07 3.13
N ASP B 26 -31.72 3.87 3.67
CA ASP B 26 -30.56 3.28 2.95
C ASP B 26 -30.94 1.91 2.39
N GLN B 27 -31.59 1.06 3.20
CA GLN B 27 -31.85 -0.36 2.88
C GLN B 27 -32.76 -0.43 1.66
N GLU B 28 -33.81 0.40 1.65
CA GLU B 28 -34.82 0.48 0.57
C GLU B 28 -34.14 0.80 -0.77
N VAL B 29 -33.17 1.73 -0.77
CA VAL B 29 -32.44 2.14 -2.01
C VAL B 29 -31.46 1.03 -2.41
N MET B 30 -30.79 0.43 -1.42
CA MET B 30 -29.76 -0.63 -1.58
C MET B 30 -30.36 -1.84 -2.29
N LEU B 31 -31.62 -2.12 -1.97
CA LEU B 31 -32.43 -3.20 -2.58
C LEU B 31 -32.30 -3.16 -4.10
N TRP B 32 -32.36 -1.96 -4.70
CA TRP B 32 -32.47 -1.70 -6.15
C TRP B 32 -31.11 -1.32 -6.75
N LEU B 33 -30.17 -0.73 -6.00
CA LEU B 33 -28.94 -0.14 -6.60
C LEU B 33 -27.70 -1.00 -6.31
N ALA B 34 -27.75 -1.83 -5.27
CA ALA B 34 -26.62 -2.67 -4.83
C ALA B 34 -26.20 -3.63 -5.96
N TRP B 35 -24.92 -4.03 -5.95
CA TRP B 35 -24.36 -5.19 -6.67
C TRP B 35 -25.35 -6.34 -6.58
N PRO B 36 -25.57 -7.15 -7.66
CA PRO B 36 -26.53 -8.25 -7.59
C PRO B 36 -26.21 -9.14 -6.38
N PHE B 37 -27.15 -9.29 -5.44
CA PHE B 37 -26.95 -10.02 -4.16
C PHE B 37 -27.72 -11.35 -4.17
N ASP B 38 -28.11 -11.78 -5.36
CA ASP B 38 -28.77 -13.08 -5.60
C ASP B 38 -28.53 -13.39 -7.08
N PRO B 39 -28.23 -14.64 -7.49
CA PRO B 39 -27.95 -14.93 -8.89
C PRO B 39 -29.09 -14.54 -9.85
N THR B 40 -30.34 -14.50 -9.38
CA THR B 40 -31.53 -14.15 -10.21
C THR B 40 -31.59 -12.66 -10.52
N LEU B 41 -30.71 -11.84 -9.92
CA LEU B 41 -30.65 -10.36 -10.18
C LEU B 41 -29.47 -10.02 -11.10
N LYS B 42 -28.79 -11.03 -11.68
CA LYS B 42 -27.51 -10.82 -12.42
C LYS B 42 -27.75 -10.15 -13.79
N PHE B 43 -28.99 -10.02 -14.26
CA PHE B 43 -29.31 -9.30 -15.52
C PHE B 43 -29.82 -7.90 -15.21
N GLU B 44 -29.79 -7.51 -13.94
CA GLU B 44 -30.09 -6.11 -13.54
C GLU B 44 -28.77 -5.36 -13.63
N PHE B 45 -28.43 -4.98 -14.87
CA PHE B 45 -27.07 -4.57 -15.34
C PHE B 45 -26.68 -3.25 -14.68
N TRP B 46 -27.68 -2.43 -14.35
CA TRP B 46 -27.45 -1.14 -13.66
C TRP B 46 -26.67 -1.42 -12.36
N ARG B 47 -26.89 -2.59 -11.75
CA ARG B 47 -26.39 -2.93 -10.39
C ARG B 47 -24.87 -3.04 -10.35
N TYR B 48 -24.26 -3.19 -11.52
CA TYR B 48 -22.79 -3.29 -11.62
C TYR B 48 -22.16 -1.91 -11.44
N PHE B 49 -22.92 -0.83 -11.63
CA PHE B 49 -22.37 0.54 -11.50
C PHE B 49 -23.09 1.40 -10.46
N THR B 50 -24.35 1.11 -10.16
CA THR B 50 -25.19 1.96 -9.28
C THR B 50 -24.69 1.92 -7.83
N HIS B 51 -23.97 0.86 -7.46
CA HIS B 51 -23.34 0.70 -6.12
C HIS B 51 -22.49 1.94 -5.85
N ALA B 52 -21.88 2.50 -6.90
CA ALA B 52 -20.93 3.63 -6.83
C ALA B 52 -21.68 4.92 -6.46
N LEU B 53 -23.01 4.93 -6.58
CA LEU B 53 -23.85 6.16 -6.45
C LEU B 53 -24.40 6.29 -5.03
N MET B 54 -24.28 5.28 -4.17
CA MET B 54 -24.84 5.30 -2.79
C MET B 54 -23.77 5.77 -1.79
N HIS B 55 -24.17 6.62 -0.84
CA HIS B 55 -23.37 7.08 0.33
C HIS B 55 -24.24 7.06 1.61
N PHE B 56 -23.61 6.77 2.75
CA PHE B 56 -24.28 6.27 3.97
C PHE B 56 -24.25 7.33 5.08
N SER B 57 -23.85 8.56 4.74
CA SER B 57 -23.77 9.74 5.64
C SER B 57 -23.34 10.96 4.82
N LEU B 58 -23.63 12.15 5.34
CA LEU B 58 -23.27 13.45 4.71
C LEU B 58 -21.74 13.54 4.60
N MET B 59 -21.03 13.07 5.63
CA MET B 59 -19.54 13.02 5.64
C MET B 59 -19.09 12.07 4.51
N HIS B 60 -19.76 10.93 4.34
CA HIS B 60 -19.41 9.94 3.29
C HIS B 60 -19.52 10.60 1.91
N ILE B 61 -20.71 11.07 1.53
CA ILE B 61 -20.94 11.68 0.18
C ILE B 61 -20.03 12.91 0.02
N LEU B 62 -19.95 13.81 1.00
CA LEU B 62 -19.22 15.10 0.85
C LEU B 62 -17.76 14.82 0.49
N PHE B 63 -17.14 13.88 1.19
CA PHE B 63 -15.70 13.53 1.01
C PHE B 63 -15.47 12.90 -0.37
N ASN B 64 -16.26 11.88 -0.72
CA ASN B 64 -16.18 11.21 -2.05
C ASN B 64 -16.32 12.26 -3.15
N LEU B 65 -17.31 13.14 -3.05
CA LEU B 65 -17.60 14.15 -4.10
C LEU B 65 -16.50 15.22 -4.20
N LEU B 66 -15.86 15.58 -3.08
CA LEU B 66 -14.69 16.48 -3.13
C LEU B 66 -13.64 15.88 -4.07
N TRP B 67 -13.29 14.63 -3.84
CA TRP B 67 -12.27 13.92 -4.65
C TRP B 67 -12.74 13.83 -6.11
N TRP B 68 -13.98 13.40 -6.34
CA TRP B 68 -14.60 13.33 -7.68
C TRP B 68 -14.44 14.67 -8.42
N TRP B 69 -14.84 15.78 -7.80
CA TRP B 69 -14.85 17.16 -8.38
C TRP B 69 -13.45 17.54 -8.86
N TYR B 70 -12.48 17.47 -7.95
CA TYR B 70 -11.05 17.73 -8.17
C TYR B 70 -10.55 16.83 -9.33
N LEU B 71 -10.48 15.51 -9.14
CA LEU B 71 -9.82 14.57 -10.09
C LEU B 71 -10.72 14.30 -11.30
N GLY B 72 -12.02 14.12 -11.06
CA GLY B 72 -13.03 13.97 -12.12
C GLY B 72 -12.88 15.09 -13.12
N GLY B 73 -12.94 16.33 -12.63
CA GLY B 73 -12.92 17.56 -13.45
C GLY B 73 -11.63 17.67 -14.24
N ALA B 74 -10.51 17.52 -13.53
CA ALA B 74 -9.13 17.44 -14.08
C ALA B 74 -9.10 16.50 -15.29
N VAL B 75 -9.57 15.26 -15.15
CA VAL B 75 -9.46 14.27 -16.25
C VAL B 75 -10.33 14.71 -17.43
N GLU B 76 -11.56 15.16 -17.14
CA GLU B 76 -12.53 15.59 -18.18
C GLU B 76 -11.93 16.78 -18.94
N LYS B 77 -11.61 17.85 -18.21
CA LYS B 77 -11.02 19.08 -18.76
C LYS B 77 -9.86 18.74 -19.69
N ARG B 78 -9.03 17.79 -19.32
CA ARG B 78 -7.70 17.60 -19.98
C ARG B 78 -7.74 16.47 -21.01
N LEU B 79 -8.62 15.48 -20.86
CA LEU B 79 -8.62 14.29 -21.76
C LEU B 79 -10.01 14.04 -22.33
N GLY B 80 -11.00 14.86 -21.98
CA GLY B 80 -12.36 14.73 -22.53
C GLY B 80 -13.23 13.79 -21.70
N SER B 81 -14.52 14.09 -21.69
CA SER B 81 -15.62 13.27 -21.11
C SER B 81 -15.43 11.79 -21.43
N GLY B 82 -15.15 11.48 -22.70
CA GLY B 82 -14.97 10.09 -23.18
C GLY B 82 -14.06 9.31 -22.25
N LYS B 83 -12.91 9.90 -21.90
CA LYS B 83 -11.88 9.24 -21.06
C LYS B 83 -12.45 9.01 -19.64
N LEU B 84 -13.11 10.01 -19.07
CA LEU B 84 -13.68 9.92 -17.70
C LEU B 84 -14.69 8.77 -17.64
N ILE B 85 -15.59 8.69 -18.63
CA ILE B 85 -16.70 7.69 -18.70
C ILE B 85 -16.09 6.30 -18.59
N VAL B 86 -15.03 6.07 -19.32
CA VAL B 86 -14.46 4.70 -19.46
C VAL B 86 -13.81 4.35 -18.12
N ILE B 87 -12.96 5.24 -17.61
CA ILE B 87 -12.31 5.09 -16.27
C ILE B 87 -13.42 4.85 -15.24
N THR B 88 -14.42 5.75 -15.21
CA THR B 88 -15.56 5.63 -14.26
C THR B 88 -16.23 4.25 -14.39
N LEU B 89 -16.62 3.84 -15.61
CA LEU B 89 -17.45 2.62 -15.81
C LEU B 89 -16.59 1.40 -15.52
N ILE B 90 -15.36 1.35 -16.03
CA ILE B 90 -14.44 0.20 -15.85
C ILE B 90 -14.10 0.06 -14.36
N SER B 91 -13.77 1.15 -13.64
CA SER B 91 -13.39 1.08 -12.19
C SER B 91 -14.63 0.74 -11.35
N ALA B 92 -15.77 1.33 -11.66
CA ALA B 92 -17.04 1.01 -10.95
C ALA B 92 -17.29 -0.50 -11.05
N LEU B 93 -17.18 -1.09 -12.26
CA LEU B 93 -17.49 -2.53 -12.50
C LEU B 93 -16.46 -3.42 -11.78
N LEU B 94 -15.17 -3.14 -11.96
CA LEU B 94 -14.09 -3.99 -11.43
C LEU B 94 -13.90 -3.76 -9.92
N SER B 95 -13.98 -2.51 -9.44
CA SER B 95 -13.95 -2.24 -7.98
C SER B 95 -15.16 -2.95 -7.36
N GLY B 96 -16.31 -2.90 -8.03
CA GLY B 96 -17.50 -3.70 -7.65
C GLY B 96 -17.23 -5.20 -7.52
N TYR B 97 -16.77 -5.84 -8.60
CA TYR B 97 -16.50 -7.31 -8.66
C TYR B 97 -15.64 -7.72 -7.47
N VAL B 98 -14.54 -7.02 -7.26
CA VAL B 98 -13.48 -7.41 -6.28
C VAL B 98 -14.07 -7.26 -4.88
N GLN B 99 -14.76 -6.15 -4.64
CA GLN B 99 -15.33 -5.83 -3.30
C GLN B 99 -16.34 -6.94 -2.95
N GLN B 100 -17.16 -7.35 -3.91
CA GLN B 100 -18.18 -8.41 -3.69
C GLN B 100 -17.47 -9.74 -3.37
N LYS B 101 -16.45 -10.10 -4.13
CA LYS B 101 -15.61 -11.32 -3.91
C LYS B 101 -15.03 -11.29 -2.50
N PHE B 102 -14.45 -10.17 -2.09
CA PHE B 102 -13.83 -9.96 -0.75
C PHE B 102 -14.90 -10.09 0.36
N SER B 103 -16.01 -9.34 0.29
CA SER B 103 -16.91 -9.07 1.45
C SER B 103 -18.41 -9.22 1.12
N GLY B 104 -18.78 -9.63 -0.09
CA GLY B 104 -20.21 -9.72 -0.44
C GLY B 104 -20.78 -8.37 -0.86
N PRO B 105 -22.11 -8.30 -1.12
CA PRO B 105 -22.71 -7.18 -1.85
C PRO B 105 -22.97 -5.85 -1.11
N TRP B 106 -22.93 -5.84 0.23
CA TRP B 106 -23.33 -4.66 1.03
C TRP B 106 -22.18 -3.66 1.07
N PHE B 107 -22.03 -2.91 -0.01
CA PHE B 107 -21.06 -1.78 -0.15
C PHE B 107 -21.67 -0.69 -1.03
N GLY B 108 -21.12 0.51 -0.92
CA GLY B 108 -21.49 1.66 -1.76
C GLY B 108 -20.49 2.79 -1.67
N GLY B 109 -20.43 3.56 -2.75
CA GLY B 109 -19.76 4.87 -2.87
C GLY B 109 -18.75 4.91 -3.98
N LEU B 110 -18.26 6.11 -4.24
CA LEU B 110 -17.55 6.49 -5.48
C LEU B 110 -16.04 6.32 -5.28
N SER B 111 -15.61 5.74 -4.15
CA SER B 111 -14.18 5.74 -3.76
C SER B 111 -13.37 4.71 -4.59
N GLY B 112 -14.00 3.63 -5.05
CA GLY B 112 -13.41 2.74 -6.07
C GLY B 112 -13.06 3.53 -7.31
N VAL B 113 -14.02 4.30 -7.80
CA VAL B 113 -13.77 5.21 -8.95
C VAL B 113 -12.72 6.25 -8.55
N VAL B 114 -12.74 6.73 -7.31
CA VAL B 114 -11.83 7.84 -6.89
C VAL B 114 -10.39 7.31 -6.91
N TYR B 115 -10.16 6.12 -6.36
CA TYR B 115 -8.83 5.49 -6.27
C TYR B 115 -8.31 5.21 -7.69
N ALA B 116 -9.19 4.89 -8.62
CA ALA B 116 -8.83 4.75 -10.06
C ALA B 116 -8.40 6.12 -10.59
N LEU B 117 -9.17 7.16 -10.32
CA LEU B 117 -8.81 8.53 -10.78
C LEU B 117 -7.48 8.92 -10.15
N MET B 118 -7.31 8.60 -8.86
CA MET B 118 -6.09 8.90 -8.05
C MET B 118 -4.91 8.22 -8.71
N GLY B 119 -5.03 6.90 -8.93
CA GLY B 119 -4.02 6.04 -9.59
C GLY B 119 -3.74 6.50 -11.00
N TYR B 120 -4.78 6.80 -11.78
CA TYR B 120 -4.64 7.20 -13.20
C TYR B 120 -3.87 8.51 -13.31
N VAL B 121 -4.25 9.50 -12.49
CA VAL B 121 -3.73 10.89 -12.55
C VAL B 121 -2.28 10.90 -12.04
N TRP B 122 -2.02 10.18 -10.96
CA TRP B 122 -0.65 10.07 -10.41
C TRP B 122 0.29 9.58 -11.52
N LEU B 123 0.11 8.37 -12.03
CA LEU B 123 1.09 7.71 -12.93
C LEU B 123 1.18 8.46 -14.27
N ARG B 124 0.03 8.87 -14.80
CA ARG B 124 -0.06 9.68 -16.05
C ARG B 124 0.80 10.95 -15.96
N GLY B 125 0.77 11.66 -14.82
CA GLY B 125 1.54 12.90 -14.60
C GLY B 125 3.03 12.61 -14.43
N GLU B 126 3.38 11.43 -13.91
CA GLU B 126 4.79 11.00 -13.70
C GLU B 126 5.41 10.57 -15.03
N ARG B 127 4.80 9.61 -15.72
CA ARG B 127 5.28 9.01 -16.99
C ARG B 127 4.99 9.93 -18.17
N ASP B 128 3.93 10.73 -18.11
CA ASP B 128 3.52 11.64 -19.21
C ASP B 128 3.17 13.02 -18.64
N PRO B 129 4.16 13.80 -18.12
CA PRO B 129 3.90 15.12 -17.55
C PRO B 129 3.40 16.12 -18.61
N GLN B 130 3.65 15.82 -19.87
CA GLN B 130 3.09 16.50 -21.07
C GLN B 130 1.57 16.73 -20.88
N SER B 131 0.83 15.66 -20.58
CA SER B 131 -0.65 15.60 -20.50
C SER B 131 -1.24 16.77 -19.70
N GLY B 132 -0.55 17.28 -18.68
CA GLY B 132 -0.97 18.46 -17.89
C GLY B 132 -1.65 18.08 -16.57
N ILE B 133 -2.13 16.85 -16.44
CA ILE B 133 -2.69 16.30 -15.17
C ILE B 133 -1.60 15.56 -14.38
N TYR B 134 -1.62 15.70 -13.06
CA TYR B 134 -0.70 15.04 -12.09
C TYR B 134 -1.40 15.02 -10.72
N LEU B 135 -0.91 14.25 -9.75
CA LEU B 135 -1.42 14.34 -8.35
C LEU B 135 -0.29 14.81 -7.42
N GLN B 136 -0.54 15.89 -6.67
CA GLN B 136 0.40 16.41 -5.64
C GLN B 136 0.80 15.27 -4.69
N ARG B 137 2.06 15.27 -4.26
CA ARG B 137 2.73 14.29 -3.34
C ARG B 137 1.88 14.04 -2.09
N GLY B 138 1.44 15.11 -1.43
CA GLY B 138 0.68 15.08 -0.17
C GLY B 138 -0.58 14.23 -0.29
N LEU B 139 -1.30 14.36 -1.40
CA LEU B 139 -2.58 13.64 -1.64
C LEU B 139 -2.30 12.14 -1.84
N ILE B 140 -1.19 11.80 -2.51
CA ILE B 140 -0.74 10.38 -2.68
C ILE B 140 -0.52 9.81 -1.29
N ILE B 141 0.22 10.53 -0.45
CA ILE B 141 0.52 10.15 0.96
C ILE B 141 -0.81 9.74 1.61
N PHE B 142 -1.70 10.73 1.71
CA PHE B 142 -3.02 10.66 2.40
C PHE B 142 -3.85 9.48 1.84
N ALA B 143 -3.84 9.29 0.53
CA ALA B 143 -4.58 8.24 -0.19
C ALA B 143 -4.09 6.86 0.27
N LEU B 144 -2.77 6.65 0.31
CA LEU B 144 -2.16 5.33 0.65
C LEU B 144 -2.35 5.04 2.14
N ILE B 145 -2.20 6.07 2.98
CA ILE B 145 -2.48 6.00 4.44
C ILE B 145 -3.93 5.55 4.63
N TRP B 146 -4.83 6.13 3.85
CA TRP B 146 -6.29 5.85 3.92
C TRP B 146 -6.55 4.37 3.66
N ILE B 147 -5.91 3.81 2.64
CA ILE B 147 -6.05 2.39 2.29
C ILE B 147 -5.63 1.55 3.50
N VAL B 148 -4.51 1.88 4.13
CA VAL B 148 -3.95 1.06 5.25
C VAL B 148 -4.92 1.13 6.45
N ALA B 149 -5.41 2.33 6.82
CA ALA B 149 -6.43 2.51 7.89
C ALA B 149 -7.64 1.61 7.60
N GLY B 150 -8.08 1.56 6.32
CA GLY B 150 -9.07 0.58 5.83
C GLY B 150 -8.72 -0.83 6.26
N TRP B 151 -7.46 -1.26 6.02
CA TRP B 151 -6.98 -2.63 6.33
C TRP B 151 -7.11 -2.91 7.83
N PHE B 152 -6.86 -1.90 8.67
CA PHE B 152 -6.84 -2.02 10.16
C PHE B 152 -8.24 -1.83 10.76
N ASP B 153 -9.20 -1.41 9.94
CA ASP B 153 -10.57 -1.03 10.40
C ASP B 153 -10.44 0.04 11.48
N LEU B 154 -9.58 1.03 11.23
CA LEU B 154 -9.27 2.17 12.15
C LEU B 154 -10.57 2.91 12.50
N PHE B 155 -10.82 3.11 13.80
CA PHE B 155 -11.97 3.86 14.36
C PHE B 155 -13.30 3.18 14.01
N GLY B 156 -13.28 1.88 13.71
CA GLY B 156 -14.48 1.12 13.27
C GLY B 156 -15.05 1.61 11.94
N MET B 157 -14.22 2.24 11.10
CA MET B 157 -14.58 2.63 9.70
C MET B 157 -14.63 1.35 8.86
N SER B 158 -15.82 0.92 8.43
CA SER B 158 -16.00 -0.25 7.54
C SER B 158 -15.74 0.17 6.10
N MET B 159 -14.50 0.08 5.66
CA MET B 159 -14.03 0.54 4.34
C MET B 159 -14.15 -0.60 3.32
N ALA B 160 -14.48 -0.25 2.09
CA ALA B 160 -14.47 -1.15 0.93
C ALA B 160 -13.01 -1.30 0.49
N ASN B 161 -12.27 -2.11 1.25
CA ASN B 161 -10.84 -2.45 1.04
C ASN B 161 -10.66 -3.01 -0.38
N GLY B 162 -11.51 -3.97 -0.77
CA GLY B 162 -11.52 -4.56 -2.12
C GLY B 162 -11.69 -3.50 -3.20
N ALA B 163 -12.69 -2.63 -3.06
CA ALA B 163 -13.02 -1.59 -4.06
C ALA B 163 -11.83 -0.62 -4.19
N HIS B 164 -11.20 -0.23 -3.09
CA HIS B 164 -10.09 0.77 -3.09
C HIS B 164 -8.93 0.27 -3.94
N ILE B 165 -8.41 -0.94 -3.63
CA ILE B 165 -7.18 -1.51 -4.25
C ILE B 165 -7.46 -1.90 -5.73
N ALA B 166 -8.61 -2.49 -6.01
CA ALA B 166 -9.03 -2.87 -7.38
C ALA B 166 -9.18 -1.59 -8.22
N GLY B 167 -9.77 -0.54 -7.64
CA GLY B 167 -9.86 0.80 -8.25
C GLY B 167 -8.50 1.38 -8.59
N LEU B 168 -7.56 1.32 -7.65
CA LEU B 168 -6.18 1.88 -7.80
C LEU B 168 -5.47 1.16 -8.96
N ALA B 169 -5.49 -0.17 -8.92
CA ALA B 169 -4.91 -1.07 -9.95
C ALA B 169 -5.46 -0.67 -11.33
N VAL B 170 -6.76 -0.45 -11.43
CA VAL B 170 -7.41 -0.11 -12.73
C VAL B 170 -6.87 1.23 -13.23
N GLY B 171 -6.76 2.22 -12.34
CA GLY B 171 -6.29 3.57 -12.71
C GLY B 171 -4.84 3.52 -13.16
N LEU B 172 -4.01 2.84 -12.36
CA LEU B 172 -2.58 2.62 -12.70
C LEU B 172 -2.49 1.92 -14.05
N ALA B 173 -3.14 0.76 -14.19
CA ALA B 173 -3.14 -0.08 -15.42
C ALA B 173 -3.43 0.82 -16.63
N MET B 174 -4.52 1.59 -16.58
CA MET B 174 -5.00 2.44 -17.70
C MET B 174 -4.08 3.67 -17.87
N ALA B 175 -3.39 4.11 -16.83
CA ALA B 175 -2.41 5.24 -16.94
C ALA B 175 -1.20 4.74 -17.74
N PHE B 176 -0.69 3.55 -17.41
CA PHE B 176 0.53 2.90 -17.99
C PHE B 176 0.35 2.71 -19.51
N VAL B 177 -0.77 2.12 -19.92
CA VAL B 177 -1.21 1.97 -21.34
C VAL B 177 -1.25 3.35 -22.02
N ASP B 178 -1.98 4.29 -21.43
CA ASP B 178 -2.28 5.57 -22.09
C ASP B 178 -1.03 6.46 -22.16
N SER B 179 -0.09 6.28 -21.22
CA SER B 179 1.22 7.00 -21.23
C SER B 179 1.93 6.64 -22.55
N LEU B 180 1.74 5.41 -23.03
CA LEU B 180 2.19 4.95 -24.36
C LEU B 180 1.19 5.44 -25.40
C ACE C 1 26.13 8.37 4.13
O ACE C 1 25.08 8.54 3.49
CH3 ACE C 1 27.05 9.58 4.40
N VAL C 2 26.52 7.18 4.59
CA VAL C 2 25.74 5.93 4.41
C VAL C 2 24.46 6.06 5.24
N ARG C 3 23.34 5.45 4.80
CA ARG C 3 22.04 5.48 5.51
C ARG C 3 21.83 4.12 6.19
N HIS C 4 21.47 4.16 7.48
CA HIS C 4 21.32 2.97 8.35
C HIS C 4 19.83 2.58 8.28
N1 LPV C 5 17.54 1.36 10.76
C4 LPV C 5 18.12 0.04 6.29
C5 LPV C 5 16.57 2.12 12.92
C6 LPV C 5 17.79 2.10 12.02
C7 LPV C 5 18.21 3.53 11.69
C8 LPV C 5 18.99 4.17 12.83
C10 LPV C 5 16.62 -0.39 13.22
C13 LPV C 5 13.83 -0.47 13.26
C15 LPV C 5 20.36 6.14 13.21
C17 LPV C 5 20.45 7.28 15.36
C20 LPV C 5 21.50 6.83 12.80
C21 LPV C 5 22.28 8.97 15.91
C22 LPV C 5 22.67 8.33 17.25
C24 LPV C 5 24.26 6.76 18.37
C23 LPV C 5 24.06 7.70 17.19
C18 LPV C 5 21.60 7.97 14.95
C19 LPV C 5 22.10 7.73 13.67
C16 LPV C 5 19.84 6.37 14.50
O3 LPV C 5 19.77 5.23 12.31
C1 LPV C 5 18.35 0.41 10.26
O1 LPV C 5 19.36 -0.06 10.86
C2 LPV C 5 17.98 -0.19 8.84
O2 LPV C 5 18.78 -1.36 8.68
C3 LPV C 5 18.25 0.77 7.65
N2 LPV C 5 19.59 1.33 7.81
C9 LPV C 5 15.89 0.78 13.08
C11 LPV C 5 15.97 -1.60 13.37
C12 LPV C 5 14.58 -1.64 13.39
C14 LPV C 5 14.48 0.74 13.12
C ACE D 1 -21.93 -3.56 6.81
O ACE D 1 -21.12 -4.20 6.09
CH3 ACE D 1 -22.31 -4.10 8.19
N VAL D 2 -22.46 -2.40 6.43
CA VAL D 2 -22.22 -1.81 5.08
C VAL D 2 -20.78 -1.31 4.99
N ARG D 3 -20.12 -1.59 3.87
CA ARG D 3 -18.74 -1.10 3.55
C ARG D 3 -18.82 0.21 2.76
N HIS D 4 -17.97 1.19 3.11
CA HIS D 4 -17.93 2.55 2.52
C HIS D 4 -16.75 2.53 1.55
N1 LPV D 5 -14.33 5.30 0.68
C4 LPV D 5 -16.50 2.05 -2.06
C5 LPV D 5 -12.64 6.64 1.99
C6 LPV D 5 -14.00 5.99 1.97
C7 LPV D 5 -14.16 4.94 3.06
C8 LPV D 5 -14.06 5.63 4.41
C10 LPV D 5 -13.29 8.06 0.00
C13 LPV D 5 -10.60 8.19 -0.81
C15 LPV D 5 -15.06 7.65 5.05
C17 LPV D 5 -14.32 9.14 6.77
C20 LPV D 5 -15.58 8.71 4.35
C21 LPV D 5 -14.73 11.67 6.56
C22 LPV D 5 -13.66 11.95 7.62
C24 LPV D 5 -11.86 13.48 6.68
C23 LPV D 5 -12.28 12.02 6.96
C18 LPV D 5 -14.82 10.22 6.05
C19 LPV D 5 -15.45 9.99 4.84
C16 LPV D 5 -14.44 7.86 6.26
O3 LPV D 5 -15.21 6.37 4.54
C1 LPV D 5 -15.57 5.25 0.16
O1 LPV D 5 -16.53 5.97 0.54
C2 LPV D 5 -15.77 4.31 -1.09
O2 LPV D 5 -16.88 4.84 -1.80
C3 LPV D 5 -16.05 2.81 -0.79
N2 LPV D 5 -17.07 2.71 0.24
C9 LPV D 5 -12.30 7.43 0.73
C11 LPV D 5 -12.91 8.74 -1.14
C12 LPV D 5 -11.58 8.82 -1.53
C14 LPV D 5 -10.96 7.49 0.34
#